data_3VUV
#
_entry.id   3VUV
#
_cell.length_a   36.690
_cell.length_b   102.070
_cell.length_c   38.245
_cell.angle_alpha   90.00
_cell.angle_beta   101.76
_cell.angle_gamma   90.00
#
_symmetry.space_group_name_H-M   'P 1 21 1'
#
loop_
_entity.id
_entity.type
_entity.pdbx_description
1 polymer 'Erythrocyte membrane protein, putative'
2 non-polymer 'ZINC ION'
3 water water
#
_entity_poly.entity_id   1
_entity_poly.type   'polypeptide(L)'
_entity_poly.pdbx_seq_one_letter_code
;GAMGSDSNSDNSNQNIFPDGSELAGGIPRSIYTINLGFNKCPTEEICKDFSNLPQCRKNVHERNNWLGSSVKNFSSDNKG
VLVPPRRQSLCLRITLQDFRTKKKKEGDFEKFIYSYASSEARKLRTIHNNNLEKAHQAIRYSFADIGNIIRGDDMMDTPT
SKETITYLEKVLKIYNENNDKPKDAKKWWTENRHHVWEAMMCGYQSAQKDNQCTGYGNIDDIPQFLRWFREWGTYVCEES
EKNMNTLKAVCFPKQPRTEANPALTVHENEMCSSTLKKYEEWYNKRKTEWTEQSIKYNNDKINYTDIKTLSPSEYLIEKC
PECKCTKKNLQDVFELTFD
;
_entity_poly.pdbx_strand_id   A
#
loop_
_chem_comp.id
_chem_comp.type
_chem_comp.name
_chem_comp.formula
ZN non-polymer 'ZINC ION' 'Zn 2'
#
# COMPACT_ATOMS: atom_id res chain seq x y z
N LYS A 40 -12.62 17.67 -3.63
CA LYS A 40 -13.80 16.85 -3.87
C LYS A 40 -13.44 15.64 -4.72
N CYS A 41 -14.47 14.88 -5.09
CA CYS A 41 -14.32 13.81 -6.07
C CYS A 41 -14.06 14.42 -7.45
N PRO A 42 -13.51 13.64 -8.38
CA PRO A 42 -13.32 14.16 -9.73
C PRO A 42 -14.65 14.26 -10.45
N THR A 43 -14.74 15.10 -11.50
CA THR A 43 -15.96 15.22 -12.30
C THR A 43 -16.38 13.88 -12.88
N GLU A 44 -17.64 13.79 -13.28
CA GLU A 44 -18.19 12.56 -13.83
C GLU A 44 -17.56 12.29 -15.18
N GLU A 45 -17.10 13.35 -15.83
CA GLU A 45 -16.50 13.23 -17.15
C GLU A 45 -15.19 12.47 -17.04
N ILE A 46 -14.29 12.96 -16.19
CA ILE A 46 -13.01 12.32 -15.93
C ILE A 46 -13.15 10.83 -15.63
N CYS A 47 -14.10 10.49 -14.77
CA CYS A 47 -14.35 9.10 -14.38
C CYS A 47 -14.76 8.21 -15.55
N LYS A 48 -15.51 8.76 -16.50
CA LYS A 48 -15.94 8.00 -17.69
C LYS A 48 -14.73 7.46 -18.45
N ASP A 49 -13.69 8.29 -18.52
CA ASP A 49 -12.45 7.93 -19.21
C ASP A 49 -11.74 6.73 -18.61
N PHE A 50 -12.10 6.35 -17.39
CA PHE A 50 -11.54 5.15 -16.77
C PHE A 50 -12.49 3.95 -16.90
N SER A 51 -11.95 2.75 -16.76
CA SER A 51 -12.72 1.53 -16.96
C SER A 51 -12.31 0.48 -15.93
N ASN A 52 -13.23 -0.41 -15.58
CA ASN A 52 -12.91 -1.45 -14.61
C ASN A 52 -12.30 -2.65 -15.31
N LEU A 53 -11.76 -3.57 -14.53
CA LEU A 53 -11.12 -4.77 -15.01
C LEU A 53 -11.53 -5.93 -14.11
N PRO A 54 -12.30 -6.88 -14.66
CA PRO A 54 -12.81 -8.05 -13.93
C PRO A 54 -11.70 -8.91 -13.32
N GLN A 55 -10.45 -8.65 -13.68
CA GLN A 55 -9.30 -9.38 -13.13
C GLN A 55 -9.19 -9.15 -11.62
N CYS A 56 -9.73 -8.02 -11.16
CA CYS A 56 -9.57 -7.61 -9.78
CA CYS A 56 -9.57 -7.62 -9.78
C CYS A 56 -10.75 -8.03 -8.90
N ARG A 57 -10.56 -9.12 -8.16
CA ARG A 57 -11.57 -9.60 -7.23
C ARG A 57 -11.03 -9.56 -5.80
N LYS A 58 -11.94 -9.65 -4.83
CA LYS A 58 -11.59 -9.55 -3.41
C LYS A 58 -10.78 -10.74 -2.92
N ASN A 65 -1.39 -14.31 5.94
CA ASN A 65 -1.24 -12.94 6.42
C ASN A 65 0.12 -12.32 6.15
N TRP A 66 0.67 -11.59 7.12
CA TRP A 66 1.92 -10.86 6.92
C TRP A 66 3.09 -11.76 6.55
N LEU A 67 3.62 -11.57 5.35
CA LEU A 67 4.54 -12.54 4.75
C LEU A 67 6.01 -12.10 4.77
N GLY A 68 6.85 -12.93 5.39
CA GLY A 68 8.25 -12.65 5.59
C GLY A 68 9.16 -13.14 4.48
N SER A 69 8.56 -13.57 3.38
N SER A 69 8.56 -13.58 3.38
CA SER A 69 9.33 -13.94 2.21
CA SER A 69 9.31 -13.98 2.20
C SER A 69 8.69 -13.32 0.97
C SER A 69 8.68 -13.34 0.97
N SER A 70 9.18 -13.72 -0.21
CA SER A 70 8.76 -13.09 -1.47
C SER A 70 9.06 -11.59 -1.49
N VAL A 71 10.02 -11.18 -0.66
CA VAL A 71 10.56 -9.82 -0.68
C VAL A 71 11.99 -9.87 -1.28
N LYS A 72 12.31 -8.92 -2.16
CA LYS A 72 13.65 -8.84 -2.73
C LYS A 72 14.67 -8.67 -1.61
N ASN A 73 15.77 -9.42 -1.68
CA ASN A 73 16.85 -9.33 -0.69
C ASN A 73 16.36 -9.45 0.75
N PHE A 74 15.41 -10.36 0.99
CA PHE A 74 14.85 -10.53 2.33
C PHE A 74 15.87 -10.95 3.40
N SER A 75 17.07 -11.35 2.96
CA SER A 75 18.12 -11.78 3.87
C SER A 75 19.23 -10.75 4.02
N SER A 76 19.12 -9.66 3.28
CA SER A 76 20.12 -8.59 3.34
C SER A 76 19.51 -7.21 3.53
N ASP A 77 19.34 -6.48 2.43
CA ASP A 77 18.80 -5.10 2.46
C ASP A 77 17.46 -5.02 3.19
N ASN A 78 16.62 -6.03 2.98
CA ASN A 78 15.24 -6.00 3.43
C ASN A 78 14.92 -7.03 4.51
N LYS A 79 15.93 -7.43 5.27
CA LYS A 79 15.69 -8.30 6.41
C LYS A 79 14.70 -7.62 7.33
N GLY A 80 13.64 -8.33 7.69
CA GLY A 80 12.69 -7.79 8.64
C GLY A 80 11.42 -7.28 7.99
N VAL A 81 11.45 -7.11 6.67
CA VAL A 81 10.30 -6.61 5.93
C VAL A 81 9.19 -7.63 5.78
N LEU A 82 7.99 -7.26 6.23
CA LEU A 82 6.81 -8.07 6.04
C LEU A 82 5.86 -7.38 5.05
N VAL A 83 5.36 -8.14 4.08
CA VAL A 83 4.52 -7.61 3.04
C VAL A 83 3.10 -7.59 3.53
N PRO A 84 2.43 -6.42 3.46
CA PRO A 84 1.02 -6.36 3.84
C PRO A 84 0.16 -7.25 2.94
N PRO A 85 -0.85 -7.89 3.52
CA PRO A 85 -1.83 -8.71 2.79
C PRO A 85 -2.48 -7.90 1.64
N ARG A 86 -2.74 -6.61 1.88
CA ARG A 86 -3.31 -5.76 0.84
C ARG A 86 -2.36 -5.67 -0.36
N ARG A 87 -1.07 -5.54 -0.07
CA ARG A 87 -0.07 -5.47 -1.12
C ARG A 87 0.07 -6.81 -1.87
N GLN A 88 0.03 -7.93 -1.14
CA GLN A 88 0.14 -9.24 -1.75
C GLN A 88 -0.99 -9.43 -2.75
N SER A 89 -2.09 -8.74 -2.50
CA SER A 89 -3.33 -8.93 -3.23
C SER A 89 -3.59 -7.74 -4.18
N LEU A 90 -2.63 -6.82 -4.28
CA LEU A 90 -2.85 -5.61 -5.06
C LEU A 90 -3.15 -5.91 -6.53
N CYS A 91 -4.19 -5.28 -7.06
CA CYS A 91 -4.62 -5.52 -8.44
CA CYS A 91 -4.59 -5.55 -8.44
C CYS A 91 -3.82 -4.71 -9.46
N LEU A 92 -2.76 -5.29 -9.99
CA LEU A 92 -1.94 -4.65 -11.01
C LEU A 92 -0.98 -5.67 -11.58
N ARG A 93 -1.25 -6.15 -12.78
CA ARG A 93 -0.27 -6.98 -13.46
C ARG A 93 -0.13 -6.59 -14.92
N ILE A 94 1.12 -6.39 -15.35
CA ILE A 94 1.40 -6.09 -16.73
C ILE A 94 2.34 -7.16 -17.27
N THR A 95 1.89 -7.84 -18.30
CA THR A 95 2.68 -8.90 -18.90
C THR A 95 3.26 -8.42 -20.22
N LEU A 96 4.27 -9.12 -20.70
CA LEU A 96 4.83 -8.88 -22.02
C LEU A 96 3.72 -8.76 -23.05
N GLN A 97 2.70 -9.60 -22.89
CA GLN A 97 1.54 -9.64 -23.77
CA GLN A 97 1.60 -9.60 -23.84
C GLN A 97 0.73 -8.35 -23.71
N ASP A 98 0.55 -7.83 -22.49
CA ASP A 98 -0.16 -6.55 -22.30
C ASP A 98 0.59 -5.44 -23.00
N PHE A 99 1.91 -5.45 -22.84
CA PHE A 99 2.76 -4.50 -23.53
C PHE A 99 2.57 -4.54 -25.05
N ARG A 100 2.54 -5.75 -25.61
CA ARG A 100 2.38 -5.92 -27.05
CA ARG A 100 2.37 -5.94 -27.05
C ARG A 100 1.09 -5.30 -27.57
N THR A 101 -0.03 -5.59 -26.91
CA THR A 101 -1.31 -5.09 -27.36
CA THR A 101 -1.31 -5.10 -27.35
C THR A 101 -1.48 -3.59 -27.12
N LYS A 102 -1.26 -3.13 -25.89
CA LYS A 102 -1.52 -1.73 -25.55
C LYS A 102 -0.57 -0.73 -26.22
N LYS A 103 0.65 -1.14 -26.55
CA LYS A 103 1.60 -0.21 -27.16
C LYS A 103 1.14 0.32 -28.51
N LYS A 104 0.27 -0.44 -29.19
CA LYS A 104 -0.17 -0.15 -30.56
C LYS A 104 -0.96 1.16 -30.73
N LYS A 105 -1.57 1.61 -29.65
CA LYS A 105 -2.33 2.87 -29.67
C LYS A 105 -1.85 3.80 -28.57
N GLU A 106 -1.50 5.03 -28.93
CA GLU A 106 -0.94 5.96 -27.95
C GLU A 106 -1.91 6.18 -26.80
N GLY A 107 -1.41 6.03 -25.58
CA GLY A 107 -2.22 6.30 -24.40
C GLY A 107 -2.89 5.08 -23.81
N ASP A 108 -2.99 4.00 -24.58
CA ASP A 108 -3.66 2.79 -24.12
C ASP A 108 -2.96 2.09 -22.96
N PHE A 109 -1.63 2.06 -22.99
CA PHE A 109 -0.88 1.42 -21.91
C PHE A 109 -1.08 2.19 -20.61
N GLU A 110 -1.02 3.51 -20.70
CA GLU A 110 -1.28 4.34 -19.52
C GLU A 110 -2.69 4.10 -19.01
N LYS A 111 -3.67 4.12 -19.90
CA LYS A 111 -5.05 3.85 -19.47
C LYS A 111 -5.24 2.47 -18.85
N PHE A 112 -4.39 1.52 -19.26
CA PHE A 112 -4.47 0.18 -18.70
C PHE A 112 -4.03 0.22 -17.23
N ILE A 113 -2.98 0.98 -16.97
CA ILE A 113 -2.57 1.25 -15.59
C ILE A 113 -3.69 1.94 -14.80
N TYR A 114 -4.25 3.01 -15.35
CA TYR A 114 -5.34 3.74 -14.68
C TYR A 114 -6.50 2.81 -14.35
N SER A 115 -6.88 1.97 -15.30
CA SER A 115 -7.94 0.98 -15.08
C SER A 115 -7.68 0.03 -13.90
N TYR A 116 -6.45 -0.45 -13.78
CA TYR A 116 -6.08 -1.33 -12.68
C TYR A 116 -6.20 -0.60 -11.35
N ALA A 117 -5.67 0.62 -11.31
CA ALA A 117 -5.74 1.46 -10.12
C ALA A 117 -7.19 1.71 -9.73
N SER A 118 -8.05 1.94 -10.73
CA SER A 118 -9.45 2.17 -10.44
C SER A 118 -10.11 0.92 -9.87
N SER A 119 -9.78 -0.23 -10.43
CA SER A 119 -10.33 -1.49 -9.95
C SER A 119 -9.82 -1.83 -8.55
N GLU A 120 -8.57 -1.52 -8.27
CA GLU A 120 -8.00 -1.79 -6.96
C GLU A 120 -8.77 -1.00 -5.92
N ALA A 121 -9.08 0.26 -6.27
CA ALA A 121 -9.81 1.15 -5.36
C ALA A 121 -11.23 0.65 -5.13
N ARG A 122 -11.93 0.35 -6.22
CA ARG A 122 -13.27 -0.20 -6.11
C ARG A 122 -13.29 -1.43 -5.20
N LYS A 123 -12.33 -2.33 -5.43
CA LYS A 123 -12.24 -3.56 -4.63
C LYS A 123 -12.05 -3.25 -3.15
N LEU A 124 -11.20 -2.27 -2.84
CA LEU A 124 -10.87 -1.96 -1.45
C LEU A 124 -12.07 -1.39 -0.70
N ARG A 125 -12.90 -0.65 -1.42
CA ARG A 125 -14.07 -0.05 -0.81
C ARG A 125 -15.16 -1.09 -0.68
N THR A 126 -15.18 -2.06 -1.58
CA THR A 126 -16.08 -3.20 -1.47
C THR A 126 -15.73 -4.04 -0.25
N ILE A 127 -14.44 -4.25 -0.01
CA ILE A 127 -13.97 -4.96 1.18
C ILE A 127 -14.33 -4.18 2.45
N HIS A 128 -13.94 -2.91 2.51
CA HIS A 128 -14.20 -2.06 3.66
C HIS A 128 -15.42 -1.18 3.47
N ASN A 129 -16.55 -1.81 3.16
CA ASN A 129 -17.80 -1.12 2.80
C ASN A 129 -18.54 -0.43 3.94
N ASN A 130 -18.24 -0.82 5.19
CA ASN A 130 -18.91 -0.24 6.34
C ASN A 130 -18.00 0.70 7.09
N ASN A 131 -16.84 0.97 6.51
CA ASN A 131 -15.85 1.83 7.17
C ASN A 131 -15.08 2.70 6.19
N LEU A 132 -15.61 3.89 6.01
CA LEU A 132 -15.09 4.87 5.08
C LEU A 132 -13.59 5.14 5.26
N GLU A 133 -13.13 5.30 6.50
CA GLU A 133 -11.75 5.72 6.71
C GLU A 133 -10.71 4.61 6.57
N LYS A 134 -11.08 3.38 6.92
CA LYS A 134 -10.20 2.25 6.62
C LYS A 134 -10.08 2.13 5.09
N ALA A 135 -11.20 2.33 4.40
CA ALA A 135 -11.22 2.27 2.95
C ALA A 135 -10.28 3.32 2.39
N HIS A 136 -10.41 4.55 2.89
CA HIS A 136 -9.58 5.64 2.40
C HIS A 136 -8.10 5.37 2.59
N GLN A 137 -7.75 4.83 3.76
CA GLN A 137 -6.36 4.63 4.08
C GLN A 137 -5.79 3.47 3.27
N ALA A 138 -6.58 2.42 3.07
CA ALA A 138 -6.17 1.32 2.20
C ALA A 138 -5.93 1.78 0.74
N ILE A 139 -6.80 2.66 0.23
CA ILE A 139 -6.63 3.25 -1.10
C ILE A 139 -5.33 4.03 -1.19
N ARG A 140 -5.03 4.81 -0.15
CA ARG A 140 -3.81 5.60 -0.11
C ARG A 140 -2.57 4.69 -0.16
N TYR A 141 -2.56 3.69 0.70
CA TYR A 141 -1.52 2.68 0.72
C TYR A 141 -1.32 1.96 -0.64
N SER A 142 -2.41 1.63 -1.32
CA SER A 142 -2.27 1.00 -2.64
C SER A 142 -1.76 1.98 -3.68
N PHE A 143 -2.19 3.23 -3.55
CA PHE A 143 -1.77 4.28 -4.47
C PHE A 143 -0.26 4.40 -4.40
N ALA A 144 0.27 4.43 -3.17
CA ALA A 144 1.70 4.58 -2.95
C ALA A 144 2.44 3.36 -3.49
N ASP A 145 1.84 2.19 -3.29
CA ASP A 145 2.42 0.94 -3.76
C ASP A 145 2.48 0.92 -5.31
N ILE A 146 1.40 1.34 -5.96
CA ILE A 146 1.41 1.51 -7.41
C ILE A 146 2.57 2.41 -7.86
N GLY A 147 2.77 3.51 -7.13
CA GLY A 147 3.94 4.35 -7.37
C GLY A 147 5.29 3.62 -7.37
N ASN A 148 5.59 2.84 -6.33
CA ASN A 148 6.86 2.13 -6.29
C ASN A 148 7.00 1.10 -7.42
N ILE A 149 5.91 0.41 -7.73
CA ILE A 149 5.89 -0.55 -8.82
C ILE A 149 6.25 0.10 -10.16
N ILE A 150 5.52 1.16 -10.52
CA ILE A 150 5.77 1.95 -11.72
C ILE A 150 7.21 2.46 -11.72
N ARG A 151 7.71 2.87 -10.56
CA ARG A 151 9.03 3.51 -10.51
C ARG A 151 10.13 2.46 -10.39
N GLY A 152 9.75 1.21 -10.27
CA GLY A 152 10.69 0.12 -10.31
C GLY A 152 11.43 -0.18 -9.02
N ASP A 153 10.93 0.31 -7.89
CA ASP A 153 11.57 0.00 -6.61
C ASP A 153 10.58 -0.52 -5.56
N ASP A 154 9.59 -1.28 -6.01
CA ASP A 154 8.70 -1.97 -5.08
C ASP A 154 9.45 -3.20 -4.51
N MET A 155 9.25 -3.51 -3.22
CA MET A 155 10.02 -4.61 -2.59
C MET A 155 9.60 -6.05 -2.89
N MET A 156 8.38 -6.25 -3.37
CA MET A 156 7.92 -7.60 -3.70
C MET A 156 8.70 -8.15 -4.86
N ASP A 157 9.09 -9.42 -4.75
CA ASP A 157 9.81 -10.12 -5.79
C ASP A 157 8.81 -10.82 -6.70
N THR A 158 8.32 -10.10 -7.70
CA THR A 158 7.34 -10.63 -8.64
C THR A 158 7.62 -10.07 -10.04
N PRO A 159 7.04 -10.69 -11.08
CA PRO A 159 7.29 -10.15 -12.42
C PRO A 159 6.72 -8.73 -12.59
N THR A 160 5.56 -8.47 -12.02
CA THR A 160 4.93 -7.16 -12.17
C THR A 160 5.80 -6.08 -11.58
N SER A 161 6.36 -6.36 -10.40
CA SER A 161 7.22 -5.41 -9.73
C SER A 161 8.53 -5.20 -10.47
N LYS A 162 9.05 -6.26 -11.07
CA LYS A 162 10.30 -6.13 -11.80
C LYS A 162 10.13 -5.57 -13.23
N GLU A 163 9.01 -5.89 -13.88
CA GLU A 163 8.86 -5.66 -15.33
C GLU A 163 8.07 -4.40 -15.72
N THR A 164 7.17 -3.94 -14.86
CA THR A 164 6.29 -2.81 -15.20
C THR A 164 7.10 -1.61 -15.64
N ILE A 165 8.13 -1.25 -14.88
CA ILE A 165 8.96 -0.12 -15.27
C ILE A 165 9.53 -0.29 -16.68
N THR A 166 9.99 -1.51 -17.01
CA THR A 166 10.62 -1.72 -18.31
C THR A 166 9.62 -1.56 -19.46
N TYR A 167 8.38 -2.00 -19.26
CA TYR A 167 7.35 -1.88 -20.28
C TYR A 167 6.89 -0.41 -20.49
N LEU A 168 6.70 0.29 -19.38
CA LEU A 168 6.26 1.68 -19.43
C LEU A 168 7.28 2.52 -20.16
N GLU A 169 8.54 2.34 -19.81
CA GLU A 169 9.59 3.18 -20.35
C GLU A 169 9.82 2.94 -21.83
N LYS A 170 9.68 1.68 -22.27
CA LYS A 170 9.75 1.37 -23.70
C LYS A 170 8.63 2.10 -24.48
N VAL A 171 7.40 2.01 -23.96
CA VAL A 171 6.26 2.70 -24.57
C VAL A 171 6.49 4.22 -24.65
N LEU A 172 7.04 4.79 -23.59
CA LEU A 172 7.32 6.23 -23.56
C LEU A 172 8.45 6.62 -24.53
N LYS A 173 9.42 5.74 -24.72
CA LYS A 173 10.42 5.97 -25.76
C LYS A 173 9.75 6.03 -27.12
N ILE A 174 8.82 5.12 -27.37
CA ILE A 174 8.16 5.05 -28.68
C ILE A 174 7.39 6.33 -29.02
N TYR A 175 6.65 6.84 -28.05
CA TYR A 175 5.73 7.94 -28.28
C TYR A 175 6.23 9.33 -27.90
N ASN A 176 7.27 9.41 -27.09
CA ASN A 176 7.71 10.68 -26.53
C ASN A 176 9.16 11.03 -26.85
N GLU A 177 9.78 10.34 -27.80
N GLU A 177 9.69 10.37 -27.88
CA GLU A 177 11.21 10.53 -28.01
CA GLU A 177 11.05 10.55 -28.35
C GLU A 177 11.57 11.78 -28.79
C GLU A 177 11.38 12.01 -28.72
N ASN A 178 10.56 12.48 -29.30
N ASN A 178 10.36 12.78 -29.10
CA ASN A 178 10.78 13.69 -30.07
CA ASN A 178 10.59 14.13 -29.62
C ASN A 178 10.03 14.90 -29.51
C ASN A 178 9.59 15.20 -29.20
N ASN A 179 9.23 14.67 -28.47
N ASN A 179 8.96 15.05 -28.04
CA ASN A 179 8.56 15.76 -27.79
CA ASN A 179 7.90 16.00 -27.65
C ASN A 179 9.17 16.01 -26.40
C ASN A 179 7.93 16.54 -26.21
N ASP A 180 8.44 16.74 -25.56
N ASP A 180 9.07 16.39 -25.53
CA ASP A 180 8.92 17.11 -24.23
CA ASP A 180 9.27 16.86 -24.16
C ASP A 180 8.24 16.29 -23.13
C ASP A 180 8.47 16.13 -23.09
N LYS A 181 7.65 15.16 -23.49
CA LYS A 181 6.90 14.34 -22.55
C LYS A 181 7.80 13.26 -21.92
N PRO A 182 7.45 12.77 -20.71
CA PRO A 182 8.35 11.90 -19.94
C PRO A 182 8.90 10.71 -20.72
N LYS A 183 10.16 10.37 -20.46
CA LYS A 183 10.79 9.24 -21.11
C LYS A 183 11.27 8.25 -20.06
N ASP A 184 11.15 8.62 -18.80
CA ASP A 184 11.47 7.71 -17.71
C ASP A 184 10.33 7.66 -16.71
N ALA A 185 10.26 6.56 -15.95
CA ALA A 185 9.11 6.27 -15.11
C ALA A 185 9.01 7.20 -13.91
N LYS A 186 10.15 7.71 -13.46
CA LYS A 186 10.15 8.63 -12.33
C LYS A 186 9.45 9.94 -12.71
N LYS A 187 9.82 10.51 -13.87
CA LYS A 187 9.16 11.74 -14.29
C LYS A 187 7.70 11.46 -14.65
N TRP A 188 7.43 10.29 -15.23
CA TRP A 188 6.06 9.93 -15.58
C TRP A 188 5.17 9.96 -14.32
N TRP A 189 5.65 9.32 -13.25
CA TRP A 189 4.91 9.28 -11.99
C TRP A 189 4.60 10.68 -11.46
N THR A 190 5.62 11.54 -11.44
CA THR A 190 5.47 12.93 -10.97
C THR A 190 4.39 13.65 -11.76
N GLU A 191 4.41 13.46 -13.08
CA GLU A 191 3.46 14.14 -13.96
C GLU A 191 2.09 13.49 -14.02
N ASN A 192 1.98 12.22 -13.64
CA ASN A 192 0.72 11.51 -13.84
C ASN A 192 0.08 10.95 -12.59
N ARG A 193 0.77 11.11 -11.46
CA ARG A 193 0.25 10.55 -10.21
C ARG A 193 -1.12 11.15 -9.88
N HIS A 194 -1.33 12.40 -10.26
CA HIS A 194 -2.63 13.03 -10.04
C HIS A 194 -3.73 12.29 -10.80
N HIS A 195 -3.44 11.90 -12.03
CA HIS A 195 -4.38 11.13 -12.85
C HIS A 195 -4.63 9.78 -12.18
N VAL A 196 -3.55 9.14 -11.72
CA VAL A 196 -3.69 7.83 -11.08
C VAL A 196 -4.62 7.92 -9.89
N TRP A 197 -4.46 8.99 -9.10
CA TRP A 197 -5.31 9.20 -7.94
C TRP A 197 -6.77 9.44 -8.32
N GLU A 198 -6.99 10.20 -9.38
CA GLU A 198 -8.36 10.44 -9.86
C GLU A 198 -9.03 9.09 -10.22
N ALA A 199 -8.33 8.25 -10.98
CA ALA A 199 -8.80 6.91 -11.31
C ALA A 199 -9.17 6.08 -10.07
N MET A 200 -8.36 6.20 -9.03
CA MET A 200 -8.69 5.55 -7.76
C MET A 200 -9.96 6.11 -7.12
N MET A 201 -10.10 7.44 -7.13
CA MET A 201 -11.32 8.02 -6.57
C MET A 201 -12.55 7.68 -7.40
N CYS A 202 -12.41 7.65 -8.72
CA CYS A 202 -13.50 7.24 -9.60
C CYS A 202 -13.84 5.79 -9.29
N GLY A 203 -12.80 4.98 -9.09
CA GLY A 203 -12.99 3.60 -8.69
C GLY A 203 -13.72 3.48 -7.35
N TYR A 204 -13.26 4.23 -6.36
CA TYR A 204 -13.85 4.16 -5.02
C TYR A 204 -15.33 4.53 -5.03
N GLN A 205 -15.67 5.56 -5.80
CA GLN A 205 -17.06 6.00 -5.95
C GLN A 205 -17.98 4.98 -6.63
N SER A 206 -17.46 4.13 -7.50
CA SER A 206 -18.32 3.18 -8.21
C SER A 206 -18.71 1.99 -7.34
N ALA A 207 -18.05 1.83 -6.20
CA ALA A 207 -18.35 0.75 -5.27
C ALA A 207 -19.73 0.90 -4.63
N GLN A 208 -20.06 2.12 -4.21
CA GLN A 208 -21.36 2.36 -3.57
C GLN A 208 -21.74 3.83 -3.62
N LYS A 209 -21.40 4.48 -4.73
CA LYS A 209 -21.76 5.87 -5.02
C LYS A 209 -21.43 6.84 -3.88
N ASP A 210 -20.30 6.60 -3.22
CA ASP A 210 -19.78 7.52 -2.23
C ASP A 210 -19.57 8.91 -2.84
N ASN A 211 -19.84 9.94 -2.07
CA ASN A 211 -19.57 11.31 -2.53
C ASN A 211 -18.47 11.94 -1.68
N GLN A 212 -17.87 11.14 -0.81
CA GLN A 212 -16.78 11.59 0.05
C GLN A 212 -15.43 11.08 -0.43
N CYS A 213 -14.77 11.85 -1.29
CA CYS A 213 -13.41 11.52 -1.71
C CYS A 213 -12.39 12.17 -0.79
N THR A 214 -11.11 12.00 -1.10
CA THR A 214 -10.06 12.57 -0.26
C THR A 214 -8.81 12.77 -1.10
N GLY A 215 -7.80 13.42 -0.54
CA GLY A 215 -6.53 13.54 -1.20
C GLY A 215 -5.67 12.42 -0.67
N TYR A 216 -4.44 12.33 -1.15
CA TYR A 216 -3.57 11.23 -0.73
C TYR A 216 -2.46 11.68 0.19
N GLY A 217 -2.58 12.91 0.70
CA GLY A 217 -1.51 13.50 1.48
C GLY A 217 -0.22 13.45 0.66
N ASN A 218 0.87 13.06 1.29
CA ASN A 218 2.09 12.84 0.55
C ASN A 218 2.46 11.36 0.59
N ILE A 219 1.44 10.50 0.70
CA ILE A 219 1.69 9.09 1.02
C ILE A 219 2.74 8.44 0.12
N ASP A 220 2.73 8.79 -1.17
CA ASP A 220 3.61 8.14 -2.14
C ASP A 220 5.07 8.51 -1.97
N ASP A 221 5.32 9.57 -1.20
CA ASP A 221 6.68 10.03 -0.91
C ASP A 221 7.28 9.37 0.34
N ILE A 222 6.45 8.72 1.14
CA ILE A 222 6.95 8.03 2.32
C ILE A 222 7.61 6.73 1.87
N PRO A 223 8.83 6.47 2.35
CA PRO A 223 9.53 5.23 2.00
C PRO A 223 8.63 4.03 2.23
N GLN A 224 8.65 3.09 1.29
CA GLN A 224 7.73 1.96 1.31
C GLN A 224 7.78 1.11 2.59
N PHE A 225 8.99 0.84 3.10
CA PHE A 225 9.09 0.00 4.29
C PHE A 225 8.42 0.68 5.48
N LEU A 226 8.50 2.01 5.53
CA LEU A 226 7.82 2.76 6.59
C LEU A 226 6.30 2.67 6.43
N ARG A 227 5.80 2.75 5.21
CA ARG A 227 4.35 2.68 5.00
C ARG A 227 3.79 1.32 5.41
N TRP A 228 4.53 0.26 5.08
CA TRP A 228 4.12 -1.09 5.44
C TRP A 228 4.14 -1.27 6.96
N PHE A 229 5.18 -0.74 7.59
CA PHE A 229 5.30 -0.79 9.04
C PHE A 229 4.10 -0.04 9.67
N ARG A 230 3.78 1.14 9.15
CA ARG A 230 2.61 1.91 9.62
C ARG A 230 1.29 1.16 9.46
N GLU A 231 1.12 0.51 8.32
CA GLU A 231 -0.11 -0.23 8.04
C GLU A 231 -0.23 -1.41 9.01
N TRP A 232 0.88 -2.06 9.28
CA TRP A 232 0.91 -3.09 10.33
C TRP A 232 0.46 -2.44 11.63
N GLY A 233 1.06 -1.30 11.94
CA GLY A 233 0.66 -0.48 13.09
C GLY A 233 -0.82 -0.20 13.20
N THR A 234 -1.47 0.15 12.09
CA THR A 234 -2.90 0.45 12.13
C THR A 234 -3.75 -0.79 12.47
N TYR A 235 -3.33 -1.95 12.02
CA TYR A 235 -4.06 -3.16 12.37
C TYR A 235 -3.80 -3.58 13.81
N VAL A 236 -2.54 -3.48 14.23
CA VAL A 236 -2.12 -4.11 15.48
C VAL A 236 -2.49 -3.27 16.71
N CYS A 237 -2.33 -1.95 16.61
CA CYS A 237 -2.69 -1.08 17.72
C CYS A 237 -4.18 -1.10 17.97
N GLU A 238 -4.94 -1.34 16.91
CA GLU A 238 -6.39 -1.53 16.99
C GLU A 238 -6.74 -2.85 17.69
N GLU A 239 -6.06 -3.92 17.29
CA GLU A 239 -6.23 -5.21 17.94
C GLU A 239 -5.88 -5.08 19.41
N SER A 240 -4.77 -4.39 19.68
CA SER A 240 -4.21 -4.29 21.01
C SER A 240 -5.14 -3.56 21.98
N GLU A 241 -5.76 -2.49 21.50
CA GLU A 241 -6.69 -1.72 22.32
C GLU A 241 -7.93 -2.57 22.60
N LYS A 242 -8.43 -3.23 21.56
CA LYS A 242 -9.62 -4.07 21.72
C LYS A 242 -9.35 -5.26 22.64
N ASN A 243 -8.21 -5.91 22.44
CA ASN A 243 -7.90 -7.09 23.22
C ASN A 243 -7.68 -6.78 24.69
N MET A 244 -7.16 -5.60 24.98
CA MET A 244 -6.91 -5.17 26.35
C MET A 244 -8.21 -4.96 27.08
N ASN A 245 -9.10 -4.17 26.46
CA ASN A 245 -10.44 -3.94 27.01
C ASN A 245 -11.13 -5.25 27.31
N THR A 246 -11.05 -6.18 26.36
CA THR A 246 -11.65 -7.49 26.51
C THR A 246 -11.02 -8.24 27.69
N LEU A 247 -9.70 -8.20 27.78
CA LEU A 247 -9.00 -8.89 28.86
C LEU A 247 -9.39 -8.31 30.22
N LYS A 248 -9.24 -6.99 30.37
CA LYS A 248 -9.60 -6.31 31.61
C LYS A 248 -11.04 -6.58 32.01
N ALA A 249 -11.96 -6.41 31.06
CA ALA A 249 -13.39 -6.63 31.31
C ALA A 249 -13.69 -8.03 31.86
N VAL A 250 -13.07 -9.04 31.26
CA VAL A 250 -13.34 -10.42 31.62
C VAL A 250 -12.59 -10.80 32.89
N CYS A 251 -11.34 -10.38 32.99
CA CYS A 251 -10.49 -10.78 34.10
C CYS A 251 -10.58 -9.86 35.31
N PHE A 252 -10.82 -8.56 35.08
CA PHE A 252 -10.86 -7.61 36.18
C PHE A 252 -12.04 -6.62 36.11
N PRO A 253 -13.26 -7.11 36.39
CA PRO A 253 -14.43 -6.23 36.43
C PRO A 253 -14.47 -5.38 37.70
N ASN A 269 -14.14 -16.97 35.80
CA ASN A 269 -13.07 -17.80 36.35
C ASN A 269 -12.30 -18.47 35.22
N GLU A 270 -12.93 -19.45 34.59
CA GLU A 270 -12.33 -20.14 33.46
C GLU A 270 -12.38 -19.25 32.21
N MET A 271 -13.38 -18.38 32.16
CA MET A 271 -13.53 -17.45 31.06
C MET A 271 -12.35 -16.48 31.04
N CYS A 272 -11.93 -16.04 32.23
CA CYS A 272 -10.74 -15.22 32.35
C CYS A 272 -9.52 -15.97 31.85
N SER A 273 -9.36 -17.19 32.32
CA SER A 273 -8.23 -18.01 31.98
C SER A 273 -8.21 -18.29 30.46
N SER A 274 -9.40 -18.57 29.92
CA SER A 274 -9.56 -18.76 28.49
C SER A 274 -9.25 -17.49 27.70
N THR A 275 -9.70 -16.35 28.20
CA THR A 275 -9.46 -15.07 27.53
C THR A 275 -7.96 -14.76 27.50
N LEU A 276 -7.30 -14.98 28.63
CA LEU A 276 -5.88 -14.70 28.74
C LEU A 276 -5.05 -15.57 27.81
N LYS A 277 -5.41 -16.85 27.72
CA LYS A 277 -4.76 -17.77 26.78
C LYS A 277 -4.82 -17.26 25.34
N LYS A 278 -5.99 -16.79 24.91
CA LYS A 278 -6.10 -16.24 23.57
C LYS A 278 -5.33 -14.92 23.45
N TYR A 279 -5.42 -14.07 24.47
CA TYR A 279 -4.67 -12.83 24.46
C TYR A 279 -3.18 -13.13 24.25
N GLU A 280 -2.69 -14.18 24.90
CA GLU A 280 -1.28 -14.56 24.78
C GLU A 280 -0.91 -14.99 23.35
N GLU A 281 -1.81 -15.73 22.71
CA GLU A 281 -1.57 -16.22 21.36
C GLU A 281 -1.52 -15.05 20.38
N TRP A 282 -2.48 -14.14 20.50
CA TRP A 282 -2.46 -12.88 19.73
C TRP A 282 -1.12 -12.18 19.95
N TYR A 283 -0.74 -11.98 21.21
CA TYR A 283 0.49 -11.27 21.55
C TYR A 283 1.73 -11.89 20.92
N ASN A 284 1.92 -13.20 21.11
CA ASN A 284 3.07 -13.87 20.50
C ASN A 284 3.13 -13.77 18.98
N LYS A 285 1.99 -13.91 18.30
CA LYS A 285 1.94 -13.73 16.84
C LYS A 285 2.44 -12.35 16.41
N ARG A 286 1.87 -11.31 17.00
CA ARG A 286 2.28 -9.95 16.64
C ARG A 286 3.68 -9.60 17.15
N LYS A 287 4.09 -10.19 18.28
CA LYS A 287 5.41 -9.89 18.84
C LYS A 287 6.56 -10.31 17.91
N THR A 288 6.41 -11.45 17.25
CA THR A 288 7.39 -11.90 16.26
C THR A 288 7.49 -10.89 15.12
N GLU A 289 6.33 -10.42 14.69
CA GLU A 289 6.25 -9.47 13.58
C GLU A 289 6.85 -8.13 13.98
N TRP A 290 6.61 -7.74 15.23
CA TRP A 290 7.17 -6.51 15.76
C TRP A 290 8.68 -6.60 15.75
N THR A 291 9.18 -7.76 16.18
CA THR A 291 10.60 -8.02 16.26
C THR A 291 11.26 -7.97 14.89
N GLU A 292 10.69 -8.68 13.92
CA GLU A 292 11.15 -8.61 12.54
C GLU A 292 11.16 -7.19 11.96
N GLN A 293 10.06 -6.47 12.10
CA GLN A 293 9.99 -5.17 11.43
C GLN A 293 10.90 -4.14 12.08
N SER A 294 11.12 -4.28 13.39
CA SER A 294 12.07 -3.43 14.10
C SER A 294 13.51 -3.58 13.59
N ILE A 295 13.85 -4.76 13.09
CA ILE A 295 15.19 -4.96 12.52
C ILE A 295 15.39 -4.05 11.31
N LYS A 296 14.47 -4.11 10.36
CA LYS A 296 14.50 -3.23 9.20
C LYS A 296 14.45 -1.75 9.61
N TYR A 297 13.48 -1.40 10.45
CA TYR A 297 13.37 -0.02 10.92
C TYR A 297 14.71 0.50 11.46
N ASN A 298 15.29 -0.22 12.41
CA ASN A 298 16.52 0.22 13.05
C ASN A 298 17.73 0.27 12.13
N ASN A 299 17.80 -0.63 11.17
CA ASN A 299 18.90 -0.62 10.20
C ASN A 299 18.84 0.58 9.27
N ASP A 300 17.63 1.00 8.92
CA ASP A 300 17.45 2.00 7.88
C ASP A 300 17.16 3.42 8.37
N LYS A 301 16.84 3.58 9.66
CA LYS A 301 16.45 4.90 10.17
C LYS A 301 17.61 5.91 10.21
N ILE A 302 18.84 5.40 10.19
CA ILE A 302 20.05 6.20 10.16
C ILE A 302 20.05 7.19 9.00
N ASN A 303 19.39 6.82 7.90
CA ASN A 303 19.43 7.63 6.69
C ASN A 303 18.39 8.76 6.64
N TYR A 304 17.54 8.85 7.66
CA TYR A 304 16.51 9.88 7.71
C TYR A 304 16.66 10.75 8.95
N THR A 305 17.07 11.99 8.72
CA THR A 305 17.44 12.92 9.77
C THR A 305 16.37 13.08 10.85
N ASP A 306 15.10 12.93 10.51
CA ASP A 306 14.04 13.23 11.45
C ASP A 306 13.44 12.01 12.15
N ILE A 307 14.01 10.84 11.93
CA ILE A 307 13.58 9.66 12.69
C ILE A 307 14.76 8.85 13.25
N LYS A 308 15.98 9.23 12.88
CA LYS A 308 17.19 8.48 13.23
C LYS A 308 17.41 8.24 14.75
N THR A 309 16.82 9.09 15.59
CA THR A 309 16.93 8.88 17.03
C THR A 309 15.64 8.32 17.63
N LEU A 310 14.68 7.98 16.78
CA LEU A 310 13.43 7.41 17.26
C LEU A 310 13.45 5.88 17.24
N SER A 311 12.91 5.28 18.29
CA SER A 311 12.72 3.84 18.36
C SER A 311 11.56 3.47 17.44
N PRO A 312 11.38 2.17 17.15
CA PRO A 312 10.23 1.78 16.34
C PRO A 312 8.89 2.17 16.97
N SER A 313 8.79 2.08 18.29
CA SER A 313 7.54 2.43 18.95
C SER A 313 7.31 3.94 18.90
N GLU A 314 8.37 4.72 19.07
CA GLU A 314 8.24 6.17 19.00
C GLU A 314 7.83 6.61 17.61
N TYR A 315 8.30 5.88 16.61
CA TYR A 315 7.94 6.21 15.24
C TYR A 315 6.46 6.04 15.03
N LEU A 316 5.89 4.92 15.47
CA LEU A 316 4.49 4.66 15.26
C LEU A 316 3.59 5.48 16.19
N ILE A 317 4.16 5.91 17.31
CA ILE A 317 3.38 6.67 18.28
C ILE A 317 3.29 8.14 17.88
N GLU A 318 4.42 8.67 17.43
CA GLU A 318 4.55 10.10 17.16
C GLU A 318 4.39 10.48 15.70
N LYS A 319 4.63 9.54 14.79
CA LYS A 319 4.75 9.88 13.37
C LYS A 319 3.86 9.06 12.47
N CYS A 320 2.80 8.51 13.05
CA CYS A 320 1.82 7.81 12.24
C CYS A 320 0.41 8.26 12.64
N PRO A 321 -0.09 9.34 11.99
CA PRO A 321 -1.39 9.93 12.32
C PRO A 321 -2.54 8.97 12.06
N GLU A 322 -2.40 8.08 11.08
CA GLU A 322 -3.46 7.10 10.85
C GLU A 322 -3.45 5.91 11.84
N CYS A 323 -2.39 5.77 12.63
CA CYS A 323 -2.15 4.54 13.42
C CYS A 323 -3.02 4.28 14.66
N LYS A 324 -3.25 5.32 15.46
CA LYS A 324 -3.85 5.16 16.79
C LYS A 324 -3.02 4.24 17.69
N CYS A 325 -1.70 4.38 17.62
CA CYS A 325 -0.82 3.65 18.51
C CYS A 325 -0.49 4.53 19.70
N THR A 326 -0.44 3.94 20.89
CA THR A 326 -0.21 4.71 22.10
C THR A 326 0.85 4.03 22.95
N LYS A 327 1.34 4.73 23.98
CA LYS A 327 2.29 4.09 24.90
C LYS A 327 1.68 2.84 25.53
N LYS A 328 0.40 2.92 25.86
CA LYS A 328 -0.31 1.83 26.53
C LYS A 328 -0.58 0.64 25.60
N ASN A 329 -1.03 0.91 24.38
CA ASN A 329 -1.39 -0.20 23.49
C ASN A 329 -0.28 -0.75 22.58
N LEU A 330 0.83 -0.01 22.49
CA LEU A 330 1.96 -0.48 21.70
C LEU A 330 3.23 -0.60 22.52
N GLN A 331 3.68 0.51 23.07
CA GLN A 331 4.97 0.53 23.74
C GLN A 331 4.97 -0.38 24.97
N ASP A 332 3.95 -0.26 25.81
CA ASP A 332 3.87 -1.06 27.04
C ASP A 332 3.64 -2.53 26.75
N VAL A 333 3.08 -2.83 25.58
CA VAL A 333 2.78 -4.21 25.23
C VAL A 333 3.98 -4.90 24.60
N PHE A 334 4.57 -4.24 23.62
CA PHE A 334 5.53 -4.90 22.75
C PHE A 334 7.00 -4.61 23.05
N GLU A 335 7.26 -3.60 23.88
CA GLU A 335 8.66 -3.21 24.12
C GLU A 335 9.22 -3.34 25.54
N LEU A 336 8.56 -4.10 26.40
CA LEU A 336 9.09 -4.38 27.74
C LEU A 336 9.39 -3.11 28.55
ZN ZN B . -7.88 -3.55 5.05
ZN ZN C . -10.87 9.88 4.63
ZN ZN D . -6.47 13.69 -14.66
ZN ZN E . 14.29 -13.06 -6.91
#